data_3RJD
#
_entry.id   3RJD
#
_cell.length_a   92.828
_cell.length_b   92.828
_cell.length_c   90.763
_cell.angle_alpha   90.00
_cell.angle_beta   90.00
_cell.angle_gamma   120.00
#
_symmetry.space_group_name_H-M   'P 32 2 1'
#
loop_
_entity.id
_entity.type
_entity.pdbx_description
1 polymer 'High affinity immunoglobulin gamma Fc receptor I'
2 branched alpha-D-mannopyranose-(1-4)-2-acetamido-2-deoxy-beta-D-glucopyranose-(1-4)-2-acetamido-2-deoxy-beta-D-glucopyranose
3 branched alpha-D-mannopyranose-(1-4)-2-acetamido-2-deoxy-beta-D-glucopyranose-(1-4)-[alpha-L-fucopyranose-(1-6)]2-acetamido-2-deoxy-beta-D-glucopyranose
4 branched alpha-D-mannopyranose-(1-4)-2-acetamido-2-deoxy-beta-D-glucopyranose
5 branched 2-acetamido-2-deoxy-beta-D-glucopyranose-(1-4)-2-acetamido-2-deoxy-beta-D-glucopyranose
6 non-polymer 2-acetamido-2-deoxy-beta-D-glucopyranose
7 non-polymer 3,6,9,12,15,18-HEXAOXAICOSANE-1,20-DIOL
8 water water
#
_entity_poly.entity_id   1
_entity_poly.type   'polypeptide(L)'
_entity_poly.pdbx_seq_one_letter_code
;KAVITLQPPWVSVFQEETVTLHCEVLHLPGSSSTQWFLNGTATQTSTPSYRITSASVNDSGEYRCQRGLSGRSDPIQLEI
HRGWLLLQVSSRVFTEGEPLALRCHAWKDKLVYNVLYYRNGKAFKFFHWNSNLTILKTNISHNGTYHCSGMGKHRYTSAG
ISVTVKELFPAPVLNASVTSPLLEGNLVTLSCETKLLLQRPGLQLYFSFYMGSKTLRGRNTSSEYQILTARREDSGLYWC
EAATEDGNVLKRSPELELQVLG
;
_entity_poly.pdbx_strand_id   A
#
# COMPACT_ATOMS: atom_id res chain seq x y z
N LYS A 1 11.73 5.84 19.21
CA LYS A 1 10.76 5.58 18.14
C LYS A 1 10.91 4.17 17.50
N ALA A 2 10.55 3.14 18.29
CA ALA A 2 10.63 1.72 17.94
C ALA A 2 9.67 1.28 16.82
N VAL A 3 9.87 0.06 16.29
CA VAL A 3 9.04 -0.55 15.24
C VAL A 3 9.07 -2.10 15.34
N ILE A 4 7.89 -2.75 15.19
CA ILE A 4 7.74 -4.22 15.29
C ILE A 4 7.85 -4.89 13.92
N THR A 5 8.68 -5.94 13.86
CA THR A 5 8.89 -6.79 12.69
C THR A 5 8.56 -8.25 13.07
N LEU A 6 8.04 -9.04 12.11
CA LEU A 6 7.69 -10.45 12.34
C LEU A 6 8.59 -11.37 11.50
N GLN A 7 9.24 -12.40 12.13
CA GLN A 7 10.14 -13.35 11.43
C GLN A 7 9.34 -14.01 10.32
N PRO A 8 8.33 -14.89 10.56
CA PRO A 8 7.44 -15.27 9.44
C PRO A 8 6.57 -14.00 9.28
N PRO A 9 6.63 -13.26 8.14
CA PRO A 9 5.96 -11.95 8.05
C PRO A 9 4.47 -11.84 8.36
N TRP A 10 3.73 -12.93 8.17
CA TRP A 10 2.29 -13.04 8.34
C TRP A 10 1.70 -12.60 9.67
N VAL A 11 0.78 -11.65 9.59
CA VAL A 11 0.09 -10.97 10.69
C VAL A 11 -1.08 -11.83 11.24
N SER A 12 -1.50 -12.84 10.47
CA SER A 12 -2.57 -13.79 10.76
C SER A 12 -1.93 -15.16 10.65
N VAL A 13 -2.06 -15.96 11.72
CA VAL A 13 -1.40 -17.25 11.85
C VAL A 13 -2.33 -18.35 12.42
N PHE A 14 -2.04 -19.63 12.14
CA PHE A 14 -2.84 -20.75 12.67
C PHE A 14 -2.46 -21.08 14.11
N GLN A 15 -3.35 -21.78 14.82
CA GLN A 15 -3.08 -22.27 16.17
C GLN A 15 -1.98 -23.32 16.07
N GLU A 16 -0.99 -23.27 16.99
CA GLU A 16 0.19 -24.15 17.08
C GLU A 16 1.35 -23.74 16.17
N GLU A 17 1.25 -22.57 15.53
CA GLU A 17 2.30 -22.06 14.65
C GLU A 17 3.26 -21.13 15.40
N THR A 18 4.48 -20.99 14.86
CA THR A 18 5.53 -20.13 15.42
C THR A 18 5.55 -18.77 14.73
N VAL A 19 5.57 -17.71 15.55
CA VAL A 19 5.64 -16.31 15.14
C VAL A 19 6.50 -15.56 16.17
N THR A 20 7.54 -14.87 15.67
CA THR A 20 8.46 -14.10 16.50
C THR A 20 8.31 -12.63 16.19
N LEU A 21 8.16 -11.81 17.25
CA LEU A 21 8.02 -10.34 17.16
C LEU A 21 9.34 -9.73 17.63
N HIS A 22 10.00 -8.93 16.77
CA HIS A 22 11.26 -8.29 17.12
C HIS A 22 11.08 -6.79 17.27
N CYS A 23 11.56 -6.22 18.39
CA CYS A 23 11.51 -4.78 18.62
C CYS A 23 12.87 -4.21 18.25
N GLU A 24 12.91 -3.44 17.15
CA GLU A 24 14.15 -2.86 16.66
C GLU A 24 14.06 -1.37 16.37
N VAL A 25 15.05 -0.62 16.88
CA VAL A 25 15.18 0.84 16.69
C VAL A 25 16.43 1.09 15.85
N LEU A 26 16.30 1.86 14.75
CA LEU A 26 17.43 2.21 13.89
C LEU A 26 18.33 3.23 14.60
N HIS A 27 17.84 4.09 15.52
CA HIS A 27 18.58 5.06 16.33
C HIS A 27 19.11 3.92 17.22
N LEU A 28 20.35 3.70 17.31
CA LEU A 28 20.65 2.58 18.03
C LEU A 28 20.82 2.73 19.39
N PRO A 29 20.48 1.69 20.13
CA PRO A 29 20.19 1.66 21.56
C PRO A 29 21.45 1.34 22.42
N GLY A 30 21.35 0.94 23.70
CA GLY A 30 20.16 0.61 24.48
C GLY A 30 20.10 -0.89 24.76
N SER A 31 19.98 -1.52 23.61
CA SER A 31 19.84 -2.91 23.49
C SER A 31 18.57 -3.50 24.13
N SER A 32 18.67 -4.49 24.81
CA SER A 32 17.76 -5.33 25.44
C SER A 32 16.67 -4.75 26.36
N SER A 33 16.86 -3.75 27.18
CA SER A 33 15.79 -3.53 28.07
C SER A 33 14.89 -3.27 27.02
N THR A 34 13.82 -4.10 26.99
CA THR A 34 12.57 -4.18 26.22
C THR A 34 11.30 -4.17 27.05
N GLN A 35 10.25 -3.50 26.53
CA GLN A 35 8.94 -3.39 27.17
C GLN A 35 7.85 -3.78 26.16
N TRP A 36 7.40 -5.04 26.22
CA TRP A 36 6.36 -5.58 25.33
C TRP A 36 4.98 -5.41 25.94
N PHE A 37 4.02 -4.88 25.15
CA PHE A 37 2.64 -4.64 25.58
C PHE A 37 1.66 -5.45 24.73
N LEU A 38 0.71 -6.12 25.40
CA LEU A 38 -0.35 -6.92 24.78
C LEU A 38 -1.68 -6.34 25.30
N ASN A 39 -2.60 -5.76 24.47
CA ASN A 39 -3.90 -5.14 24.70
C ASN A 39 -3.80 -3.99 25.74
N GLY A 40 -2.74 -3.18 25.61
CA GLY A 40 -2.47 -2.05 26.49
C GLY A 40 -2.02 -2.44 27.89
N THR A 41 -1.43 -3.64 28.03
CA THR A 41 -0.94 -4.19 29.29
C THR A 41 0.47 -4.76 29.09
N ALA A 42 1.42 -4.32 29.93
CA ALA A 42 2.83 -4.75 29.88
C ALA A 42 3.00 -6.23 30.22
N THR A 43 3.79 -6.95 29.40
CA THR A 43 4.08 -8.37 29.57
C THR A 43 5.41 -8.60 30.30
N GLN A 44 5.60 -9.83 30.81
CA GLN A 44 6.79 -10.25 31.56
C GLN A 44 8.05 -10.43 30.70
N THR A 45 7.90 -10.42 29.36
CA THR A 45 9.01 -10.60 28.41
C THR A 45 9.87 -9.34 28.28
N SER A 46 11.18 -9.50 28.45
CA SER A 46 12.18 -8.42 28.34
C SER A 46 13.11 -8.64 27.14
N THR A 47 13.13 -9.87 26.56
CA THR A 47 13.96 -10.27 25.42
C THR A 47 13.61 -9.43 24.17
N PRO A 48 14.61 -8.92 23.39
CA PRO A 48 14.27 -8.12 22.19
C PRO A 48 13.40 -8.84 21.16
N SER A 49 13.30 -10.18 21.28
CA SER A 49 12.48 -11.02 20.42
C SER A 49 11.39 -11.71 21.25
N TYR A 50 10.12 -11.42 20.92
CA TYR A 50 8.93 -11.99 21.56
C TYR A 50 8.54 -13.22 20.74
N ARG A 51 9.05 -14.39 21.14
CA ARG A 51 8.78 -15.63 20.43
C ARG A 51 7.53 -16.34 20.97
N ILE A 52 6.64 -16.73 20.05
CA ILE A 52 5.43 -17.50 20.33
C ILE A 52 5.67 -18.83 19.63
N THR A 53 5.96 -19.89 20.43
CA THR A 53 6.30 -21.25 20.01
C THR A 53 5.11 -21.97 19.37
N SER A 54 3.99 -22.03 20.10
CA SER A 54 2.73 -22.60 19.65
C SER A 54 1.66 -21.58 20.01
N ALA A 55 1.11 -20.92 18.99
CA ALA A 55 0.10 -19.87 19.13
C ALA A 55 -1.24 -20.41 19.62
N SER A 56 -1.97 -19.60 20.41
CA SER A 56 -3.30 -19.89 20.97
C SER A 56 -4.18 -18.63 20.93
N VAL A 57 -5.52 -18.79 21.05
CA VAL A 57 -6.51 -17.69 20.99
C VAL A 57 -6.20 -16.45 21.82
N ASN A 58 -5.56 -16.63 23.00
CA ASN A 58 -5.23 -15.47 23.82
C ASN A 58 -3.97 -14.72 23.38
N ASP A 59 -3.14 -15.36 22.51
CA ASP A 59 -1.94 -14.74 21.91
C ASP A 59 -2.35 -13.68 20.87
N SER A 60 -3.63 -13.67 20.47
CA SER A 60 -4.21 -12.69 19.56
C SER A 60 -4.28 -11.33 20.27
N GLY A 61 -4.28 -10.25 19.50
CA GLY A 61 -4.40 -8.90 20.04
C GLY A 61 -3.47 -7.87 19.47
N GLU A 62 -3.47 -6.69 20.10
CA GLU A 62 -2.67 -5.52 19.74
C GLU A 62 -1.33 -5.56 20.46
N TYR A 63 -0.22 -5.44 19.70
CA TYR A 63 1.14 -5.46 20.23
C TYR A 63 1.86 -4.12 20.05
N ARG A 64 2.58 -3.68 21.09
CA ARG A 64 3.38 -2.45 21.14
C ARG A 64 4.70 -2.73 21.86
N CYS A 65 5.79 -2.03 21.49
CA CYS A 65 7.11 -2.24 22.10
C CYS A 65 7.94 -0.96 22.38
N GLN A 66 8.93 -1.08 23.29
CA GLN A 66 9.86 -0.02 23.72
C GLN A 66 11.26 -0.63 23.89
N ARG A 67 12.28 -0.04 23.24
CA ARG A 67 13.67 -0.54 23.26
C ARG A 67 14.69 0.52 23.68
N GLY A 68 15.11 0.48 24.96
CA GLY A 68 16.09 1.38 25.54
C GLY A 68 15.72 2.86 25.44
N LEU A 69 15.82 3.40 24.22
CA LEU A 69 15.47 4.77 23.84
C LEU A 69 13.93 4.92 23.87
N SER A 70 13.45 6.03 24.47
CA SER A 70 12.03 6.36 24.60
C SER A 70 11.34 6.52 23.25
N GLY A 71 10.15 5.93 23.13
CA GLY A 71 9.35 5.97 21.91
C GLY A 71 8.65 4.66 21.62
N ARG A 72 7.39 4.53 22.09
CA ARG A 72 6.56 3.35 21.90
C ARG A 72 6.24 3.15 20.41
N SER A 73 6.44 1.91 19.92
CA SER A 73 6.21 1.51 18.53
C SER A 73 4.74 1.58 18.13
N ASP A 74 4.48 1.62 16.81
CA ASP A 74 3.13 1.63 16.24
C ASP A 74 2.43 0.31 16.62
N PRO A 75 1.10 0.30 16.86
CA PRO A 75 0.45 -0.95 17.27
C PRO A 75 0.20 -1.92 16.12
N ILE A 76 0.57 -3.20 16.31
CA ILE A 76 0.35 -4.25 15.31
C ILE A 76 -0.60 -5.32 15.83
N GLN A 77 -1.70 -5.57 15.09
CA GLN A 77 -2.70 -6.57 15.48
C GLN A 77 -2.36 -7.94 14.94
N LEU A 78 -2.16 -8.91 15.84
CA LEU A 78 -1.86 -10.30 15.49
C LEU A 78 -3.09 -11.17 15.77
N GLU A 79 -3.53 -11.98 14.80
CA GLU A 79 -4.71 -12.85 14.99
C GLU A 79 -4.44 -14.33 14.73
N ILE A 80 -4.73 -15.16 15.73
CA ILE A 80 -4.56 -16.60 15.59
C ILE A 80 -5.89 -17.29 15.25
N HIS A 81 -5.88 -18.18 14.24
CA HIS A 81 -7.08 -18.85 13.72
C HIS A 81 -7.07 -20.37 13.80
N ARG A 82 -8.23 -20.93 13.66
CA ARG A 82 -8.38 -22.31 13.31
C ARG A 82 -9.11 -22.46 12.10
N GLY A 83 -8.94 -23.49 11.42
CA GLY A 83 -9.57 -23.73 10.12
C GLY A 83 -8.71 -24.49 9.12
N TRP A 84 -9.20 -24.60 7.88
CA TRP A 84 -8.51 -25.29 6.79
C TRP A 84 -7.60 -24.35 6.00
N LEU A 85 -8.14 -23.20 5.55
CA LEU A 85 -7.41 -22.18 4.79
C LEU A 85 -7.32 -20.88 5.54
N LEU A 86 -6.24 -20.14 5.29
CA LEU A 86 -5.98 -18.86 5.92
C LEU A 86 -5.37 -17.91 4.92
N LEU A 87 -6.03 -16.77 4.64
CA LEU A 87 -5.39 -15.79 3.78
C LEU A 87 -4.46 -15.00 4.69
N GLN A 88 -3.17 -15.04 4.39
CA GLN A 88 -2.14 -14.38 5.19
C GLN A 88 -1.71 -13.11 4.53
N VAL A 89 -1.57 -12.08 5.34
CA VAL A 89 -1.18 -10.76 4.89
C VAL A 89 0.02 -10.26 5.70
N SER A 90 0.92 -9.53 5.04
CA SER A 90 2.15 -8.99 5.64
C SER A 90 1.92 -7.72 6.46
N SER A 91 0.82 -7.00 6.19
CA SER A 91 0.46 -5.75 6.87
C SER A 91 -1.02 -5.47 6.70
N ARG A 92 -1.66 -4.82 7.70
CA ARG A 92 -3.08 -4.50 7.65
C ARG A 92 -3.35 -3.07 7.16
N VAL A 93 -2.49 -2.11 7.55
CA VAL A 93 -2.62 -0.70 7.18
C VAL A 93 -1.29 -0.21 6.62
N PHE A 94 -1.30 0.27 5.37
CA PHE A 94 -0.11 0.77 4.69
C PHE A 94 -0.45 1.81 3.63
N THR A 95 0.54 2.64 3.27
CA THR A 95 0.40 3.68 2.25
C THR A 95 0.69 3.09 0.87
N GLU A 96 0.08 3.66 -0.19
CA GLU A 96 0.25 3.21 -1.57
C GLU A 96 1.71 3.29 -2.04
N GLY A 97 2.11 2.35 -2.90
CA GLY A 97 3.47 2.24 -3.41
C GLY A 97 4.24 1.14 -2.72
N GLU A 98 3.92 0.89 -1.43
CA GLU A 98 4.51 -0.16 -0.61
C GLU A 98 4.01 -1.52 -1.14
N PRO A 99 4.87 -2.56 -1.24
CA PRO A 99 4.37 -3.84 -1.76
C PRO A 99 3.52 -4.60 -0.76
N LEU A 100 2.59 -5.44 -1.27
CA LEU A 100 1.70 -6.25 -0.46
C LEU A 100 1.80 -7.71 -0.84
N ALA A 101 2.23 -8.54 0.11
CA ALA A 101 2.34 -9.98 -0.08
C ALA A 101 1.10 -10.65 0.49
N LEU A 102 0.51 -11.55 -0.30
CA LEU A 102 -0.67 -12.35 0.07
C LEU A 102 -0.26 -13.80 -0.01
N ARG A 103 -0.82 -14.63 0.87
CA ARG A 103 -0.54 -16.05 0.91
C ARG A 103 -1.79 -16.83 1.27
N CYS A 104 -2.18 -17.79 0.43
CA CYS A 104 -3.30 -18.66 0.75
C CYS A 104 -2.68 -19.86 1.47
N HIS A 105 -2.57 -19.75 2.80
CA HIS A 105 -1.94 -20.76 3.65
C HIS A 105 -2.91 -21.83 4.13
N ALA A 106 -2.56 -23.11 3.88
CA ALA A 106 -3.34 -24.27 4.29
C ALA A 106 -2.87 -24.82 5.62
N TRP A 107 -3.80 -25.39 6.40
CA TRP A 107 -3.58 -26.01 7.72
C TRP A 107 -2.59 -27.17 7.59
N LYS A 108 -1.53 -27.15 8.44
CA LYS A 108 -0.45 -28.15 8.50
C LYS A 108 0.33 -28.33 7.19
N ASP A 109 0.39 -27.25 6.38
CA ASP A 109 1.06 -27.17 5.07
C ASP A 109 0.55 -28.19 4.03
N LYS A 110 -0.74 -28.61 4.13
CA LYS A 110 -1.37 -29.56 3.20
C LYS A 110 -1.40 -28.99 1.78
N LEU A 111 -1.28 -29.86 0.76
CA LEU A 111 -1.26 -29.43 -0.63
C LEU A 111 -2.66 -29.06 -1.15
N VAL A 112 -2.79 -27.81 -1.66
CA VAL A 112 -4.03 -27.29 -2.24
C VAL A 112 -3.84 -26.81 -3.69
N TYR A 113 -4.77 -27.19 -4.57
CA TYR A 113 -4.74 -26.82 -5.97
C TYR A 113 -5.98 -26.00 -6.35
N ASN A 114 -6.00 -25.44 -7.59
CA ASN A 114 -7.08 -24.60 -8.12
C ASN A 114 -7.45 -23.48 -7.12
N VAL A 115 -6.41 -22.72 -6.71
CA VAL A 115 -6.49 -21.65 -5.73
C VAL A 115 -7.00 -20.37 -6.36
N LEU A 116 -7.95 -19.70 -5.68
CA LEU A 116 -8.53 -18.43 -6.09
C LEU A 116 -8.31 -17.37 -5.02
N TYR A 117 -8.04 -16.14 -5.44
CA TYR A 117 -7.85 -14.99 -4.57
C TYR A 117 -9.00 -14.02 -4.81
N TYR A 118 -9.64 -13.57 -3.73
CA TYR A 118 -10.79 -12.67 -3.78
C TYR A 118 -10.48 -11.33 -3.14
N ARG A 119 -11.07 -10.26 -3.69
CA ARG A 119 -10.99 -8.91 -3.16
C ARG A 119 -12.40 -8.39 -3.10
N ASN A 120 -12.95 -8.25 -1.88
CA ASN A 120 -14.32 -7.78 -1.62
C ASN A 120 -15.37 -8.74 -2.21
N GLY A 121 -15.11 -10.03 -2.08
CA GLY A 121 -15.97 -11.11 -2.56
C GLY A 121 -15.79 -11.51 -4.02
N LYS A 122 -15.14 -10.66 -4.85
CA LYS A 122 -14.93 -10.94 -6.27
C LYS A 122 -13.54 -11.53 -6.55
N ALA A 123 -13.49 -12.73 -7.18
CA ALA A 123 -12.25 -13.43 -7.53
C ALA A 123 -11.48 -12.65 -8.59
N PHE A 124 -10.17 -12.42 -8.36
CA PHE A 124 -9.29 -11.66 -9.26
C PHE A 124 -8.05 -12.45 -9.73
N LYS A 125 -7.74 -13.60 -9.11
CA LYS A 125 -6.57 -14.38 -9.51
C LYS A 125 -6.76 -15.85 -9.30
N PHE A 126 -6.35 -16.65 -10.30
CA PHE A 126 -6.39 -18.11 -10.25
C PHE A 126 -4.96 -18.67 -10.31
N PHE A 127 -4.71 -19.70 -9.52
CA PHE A 127 -3.46 -20.40 -9.48
C PHE A 127 -3.76 -21.86 -9.48
N HIS A 128 -3.24 -22.61 -10.43
CA HIS A 128 -3.48 -24.04 -10.47
C HIS A 128 -2.85 -24.73 -9.31
N TRP A 129 -1.66 -24.29 -8.96
CA TRP A 129 -0.92 -24.84 -7.86
C TRP A 129 -0.72 -23.69 -6.96
N ASN A 130 -0.91 -23.91 -5.71
CA ASN A 130 -0.92 -22.83 -4.78
C ASN A 130 0.34 -22.06 -4.90
N SER A 131 0.18 -20.76 -4.96
CA SER A 131 1.24 -19.78 -5.14
C SER A 131 0.85 -18.49 -4.43
N ASN A 132 1.90 -17.80 -4.05
CA ASN A 132 1.81 -16.52 -3.36
C ASN A 132 1.53 -15.39 -4.34
N LEU A 133 0.84 -14.36 -3.85
CA LEU A 133 0.49 -13.20 -4.65
C LEU A 133 1.17 -11.97 -4.05
N THR A 134 2.12 -11.40 -4.78
CA THR A 134 2.79 -10.20 -4.32
C THR A 134 2.46 -9.06 -5.25
N ILE A 135 1.76 -8.04 -4.74
CA ILE A 135 1.41 -6.84 -5.49
C ILE A 135 2.57 -5.90 -5.23
N LEU A 136 3.45 -5.73 -6.24
CA LEU A 136 4.67 -4.92 -6.16
C LEU A 136 4.43 -3.46 -5.83
N LYS A 137 3.31 -2.95 -6.13
CA LYS A 137 3.06 -1.65 -5.83
C LYS A 137 1.72 -1.50 -5.76
N THR A 138 1.20 -1.06 -4.69
CA THR A 138 -0.20 -0.89 -4.30
C THR A 138 -0.67 0.53 -4.61
N ASN A 139 -1.94 0.64 -4.80
CA ASN A 139 -2.92 1.69 -5.07
C ASN A 139 -4.27 1.42 -4.40
N ILE A 140 -5.15 2.45 -4.38
CA ILE A 140 -6.49 2.42 -3.77
C ILE A 140 -7.44 1.32 -4.25
N SER A 141 -7.16 0.71 -5.42
CA SER A 141 -7.99 -0.37 -5.95
C SER A 141 -7.70 -1.69 -5.23
N HIS A 142 -6.55 -1.76 -4.52
CA HIS A 142 -6.13 -2.92 -3.74
C HIS A 142 -6.73 -2.90 -2.33
N ASN A 143 -7.53 -1.78 -1.93
CA ASN A 143 -8.20 -1.60 -0.64
C ASN A 143 -9.33 -2.60 -0.54
N GLY A 144 -9.54 -3.12 0.66
CA GLY A 144 -10.63 -4.05 0.91
C GLY A 144 -10.28 -5.34 1.60
N THR A 145 -11.30 -6.17 1.78
CA THR A 145 -11.22 -7.47 2.42
C THR A 145 -10.78 -8.57 1.45
N TYR A 146 -9.74 -9.33 1.83
CA TYR A 146 -9.19 -10.41 1.02
C TYR A 146 -9.54 -11.77 1.59
N HIS A 147 -9.81 -12.73 0.70
CA HIS A 147 -10.13 -14.13 1.00
C HIS A 147 -9.43 -15.01 -0.03
N CYS A 148 -9.38 -16.31 0.24
CA CYS A 148 -8.85 -17.29 -0.69
C CYS A 148 -9.59 -18.62 -0.58
N SER A 149 -9.76 -19.31 -1.70
CA SER A 149 -10.38 -20.63 -1.76
C SER A 149 -9.48 -21.57 -2.55
N GLY A 150 -9.45 -22.82 -2.15
CA GLY A 150 -8.63 -23.83 -2.80
C GLY A 150 -9.19 -25.22 -2.64
N MET A 151 -8.74 -26.13 -3.50
CA MET A 151 -9.19 -27.52 -3.50
C MET A 151 -8.19 -28.44 -2.81
N GLY A 152 -8.63 -29.05 -1.71
CA GLY A 152 -7.89 -30.05 -0.96
C GLY A 152 -8.64 -31.34 -1.13
N LYS A 153 -9.11 -31.94 -0.01
CA LYS A 153 -9.98 -33.13 -0.03
C LYS A 153 -11.38 -32.65 -0.47
N HIS A 154 -11.68 -31.35 -0.22
CA HIS A 154 -12.90 -30.61 -0.57
C HIS A 154 -12.54 -29.13 -0.83
N ARG A 155 -13.46 -28.35 -1.43
CA ARG A 155 -13.24 -26.93 -1.68
C ARG A 155 -13.41 -26.13 -0.39
N TYR A 156 -12.28 -25.66 0.18
CA TYR A 156 -12.26 -24.89 1.42
C TYR A 156 -12.17 -23.39 1.13
N THR A 157 -12.56 -22.56 2.11
CA THR A 157 -12.46 -21.10 2.03
C THR A 157 -11.74 -20.60 3.27
N SER A 158 -11.05 -19.46 3.13
CA SER A 158 -10.36 -18.84 4.25
C SER A 158 -11.25 -17.76 4.86
N ALA A 159 -10.91 -17.31 6.08
CA ALA A 159 -11.59 -16.18 6.72
C ALA A 159 -11.02 -14.91 6.05
N GLY A 160 -11.77 -13.82 6.07
CA GLY A 160 -11.33 -12.58 5.45
C GLY A 160 -10.53 -11.64 6.33
N ILE A 161 -9.64 -10.86 5.69
CA ILE A 161 -8.82 -9.83 6.34
C ILE A 161 -8.99 -8.52 5.61
N SER A 162 -9.18 -7.45 6.35
CA SER A 162 -9.31 -6.10 5.82
C SER A 162 -7.92 -5.50 5.70
N VAL A 163 -7.58 -5.05 4.48
CA VAL A 163 -6.32 -4.35 4.22
C VAL A 163 -6.64 -2.90 3.85
N THR A 164 -5.95 -1.96 4.49
CA THR A 164 -6.15 -0.53 4.26
C THR A 164 -4.97 0.04 3.51
N VAL A 165 -5.20 0.39 2.25
CA VAL A 165 -4.21 1.02 1.37
C VAL A 165 -4.52 2.52 1.44
N LYS A 166 -3.69 3.27 2.15
CA LYS A 166 -3.86 4.72 2.31
C LYS A 166 -3.36 5.49 1.10
N GLU A 167 -4.18 6.42 0.60
CA GLU A 167 -3.85 7.29 -0.53
C GLU A 167 -3.00 8.46 -0.07
N LEU A 168 -1.95 8.78 -0.83
CA LEU A 168 -1.08 9.93 -0.56
C LEU A 168 -1.75 11.18 -1.14
N PHE A 169 -1.77 11.26 -2.48
CA PHE A 169 -2.35 12.33 -3.28
C PHE A 169 -3.34 11.75 -4.27
N PRO A 170 -4.54 12.37 -4.49
CA PRO A 170 -5.46 11.81 -5.49
C PRO A 170 -4.92 12.04 -6.90
N ALA A 171 -5.41 11.25 -7.89
CA ALA A 171 -5.01 11.42 -9.28
C ALA A 171 -5.17 12.90 -9.67
N PRO A 172 -4.16 13.54 -10.29
CA PRO A 172 -4.27 14.97 -10.59
C PRO A 172 -5.32 15.32 -11.65
N VAL A 173 -5.67 16.61 -11.69
CA VAL A 173 -6.62 17.19 -12.66
C VAL A 173 -5.92 18.37 -13.32
N LEU A 174 -5.90 18.39 -14.67
CA LEU A 174 -5.31 19.48 -15.43
C LEU A 174 -6.38 20.54 -15.67
N ASN A 175 -6.04 21.62 -15.08
CA ASN A 175 -6.85 22.83 -15.15
C ASN A 175 -6.10 23.88 -15.97
N ALA A 176 -6.82 24.56 -16.87
CA ALA A 176 -6.30 25.62 -17.72
C ALA A 176 -6.91 26.95 -17.30
N SER A 177 -6.10 28.02 -17.32
CA SER A 177 -6.53 29.37 -16.94
C SER A 177 -7.61 29.97 -17.86
N VAL A 178 -7.80 29.35 -19.05
CA VAL A 178 -8.78 29.76 -20.06
C VAL A 178 -9.60 28.54 -20.51
N THR A 179 -10.82 28.75 -21.04
CA THR A 179 -11.67 27.65 -21.51
C THR A 179 -11.44 27.36 -23.00
N SER A 180 -11.55 26.09 -23.39
CA SER A 180 -11.37 25.65 -24.77
C SER A 180 -12.71 25.59 -25.55
N PRO A 181 -12.79 26.06 -26.81
CA PRO A 181 -11.72 26.63 -27.66
C PRO A 181 -11.28 28.03 -27.25
N LEU A 182 -9.99 28.31 -27.37
CA LEU A 182 -9.42 29.60 -27.03
C LEU A 182 -8.86 30.28 -28.27
N LEU A 183 -8.72 31.62 -28.23
CA LEU A 183 -8.19 32.43 -29.32
C LEU A 183 -6.68 32.42 -29.35
N GLU A 184 -6.09 32.47 -30.56
CA GLU A 184 -4.65 32.55 -30.80
C GLU A 184 -4.08 33.82 -30.14
N GLY A 185 -2.89 33.71 -29.56
CA GLY A 185 -2.20 34.80 -28.89
C GLY A 185 -2.44 34.87 -27.40
N ASN A 186 -3.44 34.10 -26.91
CA ASN A 186 -3.81 34.01 -25.51
C ASN A 186 -2.65 33.46 -24.68
N LEU A 187 -2.53 33.95 -23.44
CA LEU A 187 -1.53 33.50 -22.49
C LEU A 187 -2.27 32.51 -21.60
N VAL A 188 -1.85 31.23 -21.68
CA VAL A 188 -2.51 30.14 -20.95
C VAL A 188 -1.63 29.59 -19.85
N THR A 189 -2.20 29.44 -18.65
CA THR A 189 -1.54 28.82 -17.52
C THR A 189 -2.15 27.44 -17.35
N LEU A 190 -1.30 26.43 -17.39
CA LEU A 190 -1.66 25.04 -17.19
C LEU A 190 -1.25 24.67 -15.78
N SER A 191 -2.22 24.22 -14.97
CA SER A 191 -1.99 23.87 -13.57
C SER A 191 -2.35 22.41 -13.27
N CYS A 192 -1.39 21.65 -12.71
CA CYS A 192 -1.57 20.24 -12.33
C CYS A 192 -2.11 20.19 -10.89
N GLU A 193 -3.45 20.27 -10.77
CA GLU A 193 -4.18 20.33 -9.51
C GLU A 193 -4.33 19.00 -8.76
N THR A 194 -3.66 18.92 -7.60
CA THR A 194 -3.69 17.79 -6.66
C THR A 194 -3.39 18.31 -5.26
N LYS A 195 -3.92 17.64 -4.24
CA LYS A 195 -3.70 18.04 -2.84
C LYS A 195 -3.14 16.86 -2.06
N LEU A 196 -1.96 17.03 -1.43
CA LEU A 196 -1.35 15.99 -0.61
C LEU A 196 -2.17 15.89 0.68
N LEU A 197 -2.87 14.76 0.83
CA LEU A 197 -3.78 14.45 1.93
C LEU A 197 -3.11 13.91 3.21
N LEU A 198 -2.22 14.74 3.79
CA LEU A 198 -1.44 14.47 5.00
C LEU A 198 -1.12 15.77 5.73
N GLN A 204 7.51 15.86 -0.75
CA GLN A 204 7.74 16.69 -1.93
C GLN A 204 7.16 16.04 -3.19
N LEU A 205 6.36 16.81 -3.96
CA LEU A 205 5.76 16.36 -5.21
C LEU A 205 6.43 16.96 -6.44
N TYR A 206 6.74 16.10 -7.42
CA TYR A 206 7.38 16.46 -8.69
C TYR A 206 6.37 16.34 -9.83
N PHE A 207 6.12 17.45 -10.53
CA PHE A 207 5.17 17.53 -11.63
C PHE A 207 5.84 17.64 -12.98
N SER A 208 5.17 17.11 -14.02
CA SER A 208 5.62 17.13 -15.40
C SER A 208 4.42 17.33 -16.34
N PHE A 209 4.60 18.15 -17.39
CA PHE A 209 3.55 18.48 -18.35
C PHE A 209 3.80 17.86 -19.71
N TYR A 210 2.73 17.34 -20.34
CA TYR A 210 2.81 16.67 -21.64
C TYR A 210 1.69 17.08 -22.59
N MET A 211 1.94 16.90 -23.90
CA MET A 211 0.99 17.13 -24.98
C MET A 211 1.08 15.91 -25.89
N GLY A 212 0.07 15.04 -25.81
CA GLY A 212 0.00 13.80 -26.57
C GLY A 212 1.11 12.84 -26.19
N SER A 213 2.26 12.95 -26.89
CA SER A 213 3.46 12.14 -26.67
C SER A 213 4.67 13.04 -26.36
N LYS A 214 4.58 14.32 -26.74
CA LYS A 214 5.63 15.33 -26.53
C LYS A 214 5.71 15.72 -25.05
N THR A 215 6.94 15.89 -24.54
CA THR A 215 7.20 16.29 -23.16
C THR A 215 7.38 17.82 -23.12
N LEU A 216 6.41 18.53 -22.55
CA LEU A 216 6.41 20.00 -22.45
C LEU A 216 7.41 20.46 -21.39
N ARG A 217 7.28 19.93 -20.16
CA ARG A 217 8.17 20.24 -19.05
C ARG A 217 8.39 18.97 -18.23
N GLY A 218 9.65 18.74 -17.86
CA GLY A 218 10.06 17.57 -17.09
C GLY A 218 9.85 17.72 -15.60
N ARG A 219 10.35 16.73 -14.82
CA ARG A 219 10.28 16.65 -13.37
C ARG A 219 10.74 17.93 -12.65
N ASN A 220 9.81 18.61 -11.96
CA ASN A 220 10.03 19.85 -11.21
C ASN A 220 8.94 20.05 -10.15
N THR A 221 9.24 20.82 -9.10
CA THR A 221 8.33 21.09 -7.96
C THR A 221 7.15 22.00 -8.31
N SER A 222 7.29 22.82 -9.38
CA SER A 222 6.25 23.74 -9.83
C SER A 222 5.07 22.97 -10.42
N SER A 223 3.86 23.28 -9.91
CA SER A 223 2.60 22.68 -10.35
C SER A 223 2.00 23.47 -11.53
N GLU A 224 2.73 24.49 -12.03
CA GLU A 224 2.29 25.34 -13.13
C GLU A 224 3.20 25.29 -14.35
N TYR A 225 2.62 25.53 -15.53
CA TYR A 225 3.29 25.60 -16.82
C TYR A 225 2.53 26.62 -17.67
N GLN A 226 3.25 27.56 -18.31
CA GLN A 226 2.61 28.58 -19.14
C GLN A 226 2.90 28.42 -20.61
N ILE A 227 1.83 28.45 -21.42
CA ILE A 227 1.93 28.53 -22.88
C ILE A 227 1.92 30.05 -23.08
N LEU A 228 3.10 30.63 -23.32
CA LEU A 228 3.31 32.07 -23.48
C LEU A 228 2.42 32.72 -24.53
N THR A 229 2.42 32.17 -25.77
CA THR A 229 1.60 32.67 -26.88
C THR A 229 0.96 31.46 -27.58
N ALA A 230 -0.35 31.26 -27.34
CA ALA A 230 -1.11 30.15 -27.90
C ALA A 230 -1.26 30.24 -29.42
N ARG A 231 -0.78 29.21 -30.13
CA ARG A 231 -0.84 29.13 -31.59
C ARG A 231 -1.68 27.93 -32.02
N ARG A 232 -2.09 27.91 -33.30
CA ARG A 232 -2.88 26.83 -33.91
C ARG A 232 -2.20 25.45 -33.74
N GLU A 233 -0.86 25.44 -33.76
CA GLU A 233 0.00 24.26 -33.60
C GLU A 233 -0.04 23.72 -32.18
N ASP A 234 -0.55 24.54 -31.22
CA ASP A 234 -0.67 24.14 -29.81
C ASP A 234 -1.97 23.37 -29.55
N SER A 235 -2.83 23.20 -30.58
CA SER A 235 -4.08 22.44 -30.45
C SER A 235 -3.75 20.96 -30.29
N GLY A 236 -4.33 20.35 -29.27
CA GLY A 236 -4.09 18.95 -28.96
C GLY A 236 -4.56 18.55 -27.58
N LEU A 237 -4.16 17.35 -27.15
CA LEU A 237 -4.53 16.78 -25.86
C LEU A 237 -3.43 16.97 -24.85
N TYR A 238 -3.75 17.69 -23.78
CA TYR A 238 -2.82 18.01 -22.71
C TYR A 238 -3.13 17.20 -21.47
N TRP A 239 -2.08 16.76 -20.77
CA TRP A 239 -2.17 15.98 -19.54
C TRP A 239 -0.93 16.19 -18.67
N CYS A 240 -1.09 16.00 -17.36
CA CYS A 240 0.02 16.15 -16.42
C CYS A 240 0.27 14.86 -15.61
N GLU A 241 1.42 14.82 -14.93
CA GLU A 241 1.87 13.69 -14.12
C GLU A 241 2.36 14.23 -12.78
N ALA A 242 1.82 13.70 -11.68
CA ALA A 242 2.20 14.06 -10.31
C ALA A 242 2.91 12.86 -9.69
N ALA A 243 4.11 13.09 -9.13
CA ALA A 243 4.90 11.99 -8.55
C ALA A 243 5.70 12.39 -7.32
N THR A 244 6.01 11.39 -6.46
CA THR A 244 6.82 11.57 -5.26
C THR A 244 8.29 11.70 -5.70
N GLU A 245 9.13 12.36 -4.88
CA GLU A 245 10.56 12.61 -5.14
C GLU A 245 11.32 11.40 -5.71
N ASP A 246 10.95 10.24 -5.21
CA ASP A 246 11.53 8.90 -5.48
C ASP A 246 11.18 8.48 -6.67
N GLY A 247 10.04 8.84 -7.04
CA GLY A 247 9.45 8.22 -8.17
C GLY A 247 8.57 7.05 -8.04
N ASN A 248 8.38 6.65 -6.86
CA ASN A 248 7.73 5.45 -6.73
C ASN A 248 6.51 5.47 -7.14
N VAL A 249 5.82 6.57 -6.91
CA VAL A 249 4.41 6.62 -7.21
C VAL A 249 4.08 7.77 -8.10
N LEU A 250 3.51 7.54 -9.27
CA LEU A 250 3.17 8.66 -10.10
C LEU A 250 1.80 8.48 -10.68
N LYS A 251 1.03 9.54 -10.69
CA LYS A 251 -0.30 9.45 -11.23
C LYS A 251 -0.49 10.41 -12.39
N ARG A 252 -1.03 9.89 -13.48
CA ARG A 252 -1.36 10.66 -14.67
C ARG A 252 -2.72 11.31 -14.45
N SER A 253 -3.01 12.37 -15.21
CA SER A 253 -4.28 13.10 -15.16
C SER A 253 -5.12 12.77 -16.41
N PRO A 254 -6.47 12.94 -16.38
CA PRO A 254 -7.24 12.73 -17.62
C PRO A 254 -6.83 13.79 -18.64
N GLU A 255 -6.83 13.43 -19.93
CA GLU A 255 -6.45 14.33 -21.00
C GLU A 255 -7.44 15.47 -21.14
N LEU A 256 -6.91 16.71 -21.19
CA LEU A 256 -7.69 17.92 -21.34
C LEU A 256 -7.36 18.51 -22.71
N GLU A 257 -8.39 18.58 -23.58
CA GLU A 257 -8.23 19.10 -24.93
C GLU A 257 -8.27 20.62 -24.94
N LEU A 258 -7.35 21.20 -25.70
CA LEU A 258 -7.27 22.64 -25.94
C LEU A 258 -7.27 22.85 -27.44
N GLN A 259 -8.26 23.59 -27.94
CA GLN A 259 -8.37 23.95 -29.35
C GLN A 259 -8.02 25.42 -29.45
N VAL A 260 -7.05 25.76 -30.31
CA VAL A 260 -6.64 27.14 -30.49
C VAL A 260 -7.12 27.63 -31.84
N LEU A 261 -7.86 28.75 -31.85
CA LEU A 261 -8.45 29.36 -33.05
C LEU A 261 -7.70 30.60 -33.50
N GLY A 262 -7.23 30.58 -34.74
CA GLY A 262 -6.49 31.69 -35.34
C GLY A 262 -5.86 31.31 -36.68
#